data_7ZVA
#
_entry.id   7ZVA
#
_cell.length_a   86.370
_cell.length_b   92.620
_cell.length_c   42.690
_cell.angle_alpha   90.000
_cell.angle_beta   90.000
_cell.angle_gamma   90.000
#
_symmetry.space_group_name_H-M   'P 21 21 2'
#
loop_
_entity.id
_entity.type
_entity.pdbx_description
1 polymer 'C-terminal peptidase'
2 branched alpha-L-fucopyranose-(1-6)-2-acetamido-2-deoxy-beta-D-glucopyranose
3 branched 2-acetamido-2-deoxy-beta-D-glucopyranose-(1-4)-2-acetamido-2-deoxy-beta-D-glucopyranose
4 non-polymer GLYCEROL
5 non-polymer 'ACETATE ION'
6 non-polymer 'ISOPROPYL ALCOHOL'
7 water water
#
_entity_poly.entity_id   1
_entity_poly.type   'polypeptide(L)'
_entity_poly.pdbx_seq_one_letter_code
;METDTLLLWVLLLWVPGSTGDLMVRSIQARLANKPKGTIKTIKGDDGEVVDCVDIYKQPAFDHPLLKNHTLQMQPSSYAS
KVGEYNKLEQPWHKNGECPKGSIPIRRQVITGLPVVKKQFPNLKFAPPSANTNHQYAVIAYFYGNASLQGANATINIWEP
NLKNPNGDFSLTQIWISAGSGSSLNTIEAGWQVYPGRTGDSQPRFFIYWTADGYTSTGCYDLTCPGFVQTNNYYAIGMAL
QPSVYGGQQYELNESIQRDPATGNWWLYLWGTVVGYWPASIYNSITNGADTVEWGGEIYDSSGTGGFHTTTQMGSGHFPT
EGYGKASYVRDLQCVDTYGNVISPTANSFQGIAPAPNCYNYQFQQGSSELYLFYGGPGCQAIAHHHHHH
;
_entity_poly.pdbx_strand_id   A
#
loop_
_chem_comp.id
_chem_comp.type
_chem_comp.name
_chem_comp.formula
ACT non-polymer 'ACETATE ION' 'C2 H3 O2 -1'
FUC L-saccharide, alpha linking alpha-L-fucopyranose 'C6 H12 O5'
GOL non-polymer GLYCEROL 'C3 H8 O3'
IPA non-polymer 'ISOPROPYL ALCOHOL' 'C3 H8 O'
NAG D-saccharide, beta linking 2-acetamido-2-deoxy-beta-D-glucopyranose 'C8 H15 N O6'
#
# COMPACT_ATOMS: atom_id res chain seq x y z
N ALA A 29 -2.52 -22.79 -9.01
CA ALA A 29 -2.52 -22.08 -7.74
C ALA A 29 -2.74 -23.04 -6.56
N ARG A 30 -1.96 -22.86 -5.50
CA ARG A 30 -2.04 -23.65 -4.27
C ARG A 30 -2.09 -22.72 -3.06
N LEU A 31 -2.64 -23.19 -1.93
CA LEU A 31 -2.69 -22.40 -0.71
C LEU A 31 -1.44 -22.69 0.12
N ALA A 32 -0.91 -21.66 0.79
CA ALA A 32 0.19 -21.84 1.71
C ALA A 32 -0.32 -22.61 2.97
N ASN A 33 0.60 -23.03 3.86
CA ASN A 33 0.18 -23.72 5.08
C ASN A 33 -0.40 -22.72 6.08
N LYS A 34 -1.22 -23.19 7.07
CA LYS A 34 -1.71 -22.30 8.12
C LYS A 34 -0.55 -21.75 8.91
N PRO A 35 -0.59 -20.47 9.32
CA PRO A 35 0.46 -19.98 10.22
C PRO A 35 0.28 -20.54 11.64
N LYS A 36 1.34 -20.48 12.45
CA LYS A 36 1.24 -20.92 13.84
C LYS A 36 0.31 -19.96 14.60
N GLY A 37 -0.36 -20.48 15.60
CA GLY A 37 -1.31 -19.66 16.37
C GLY A 37 -2.69 -19.54 15.75
N THR A 38 -2.96 -20.26 14.64
CA THR A 38 -4.28 -20.23 14.04
C THR A 38 -5.30 -20.98 14.93
N ILE A 39 -6.35 -20.28 15.37
CA ILE A 39 -7.38 -20.88 16.20
C ILE A 39 -8.62 -21.29 15.40
N LYS A 40 -8.83 -20.71 14.21
CA LYS A 40 -9.97 -21.00 13.33
C LYS A 40 -9.61 -20.60 11.88
N THR A 41 -10.09 -21.33 10.88
CA THR A 41 -9.87 -20.98 9.47
C THR A 41 -11.24 -20.83 8.85
N ILE A 42 -11.48 -19.70 8.16
CA ILE A 42 -12.74 -19.38 7.51
C ILE A 42 -12.54 -19.41 6.00
N LYS A 43 -13.42 -20.09 5.29
CA LYS A 43 -13.33 -20.16 3.84
C LYS A 43 -14.45 -19.35 3.25
N GLY A 44 -14.09 -18.36 2.43
CA GLY A 44 -15.05 -17.53 1.71
C GLY A 44 -15.66 -18.26 0.53
N ASP A 45 -16.82 -17.79 0.06
CA ASP A 45 -17.50 -18.43 -1.08
C ASP A 45 -16.69 -18.35 -2.37
N ASP A 46 -15.82 -17.35 -2.49
CA ASP A 46 -15.02 -17.17 -3.71
C ASP A 46 -13.65 -17.86 -3.66
N GLY A 47 -13.38 -18.67 -2.64
CA GLY A 47 -12.09 -19.34 -2.53
C GLY A 47 -11.09 -18.65 -1.61
N GLU A 48 -11.41 -17.43 -1.12
CA GLU A 48 -10.55 -16.78 -0.13
C GLU A 48 -10.49 -17.62 1.15
N VAL A 49 -9.35 -17.66 1.80
CA VAL A 49 -9.19 -18.37 3.06
C VAL A 49 -8.62 -17.38 4.06
N VAL A 50 -9.19 -17.36 5.26
CA VAL A 50 -8.77 -16.47 6.34
C VAL A 50 -8.40 -17.27 7.56
N ASP A 51 -7.22 -17.06 8.11
CA ASP A 51 -6.84 -17.71 9.36
C ASP A 51 -6.96 -16.72 10.49
N CYS A 52 -7.74 -17.06 11.53
CA CYS A 52 -7.86 -16.26 12.74
C CYS A 52 -6.73 -16.67 13.63
N VAL A 53 -5.73 -15.83 13.75
CA VAL A 53 -4.51 -16.15 14.48
C VAL A 53 -4.51 -15.45 15.80
N ASP A 54 -4.15 -16.14 16.90
CA ASP A 54 -3.99 -15.57 18.23
C ASP A 54 -3.17 -14.26 18.15
N ILE A 55 -3.71 -13.12 18.61
CA ILE A 55 -3.06 -11.83 18.43
C ILE A 55 -1.63 -11.81 19.03
N TYR A 56 -1.36 -12.68 20.04
CA TYR A 56 -0.02 -12.75 20.63
C TYR A 56 0.93 -13.72 19.89
N LYS A 57 0.41 -14.54 18.98
CA LYS A 57 1.24 -15.46 18.20
C LYS A 57 1.35 -15.05 16.74
N GLN A 58 0.91 -13.82 16.40
CA GLN A 58 0.98 -13.34 15.03
C GLN A 58 2.44 -13.23 14.59
N PRO A 59 2.69 -13.32 13.26
CA PRO A 59 4.08 -13.35 12.78
C PRO A 59 5.00 -12.27 13.32
N ALA A 60 4.51 -11.04 13.56
CA ALA A 60 5.34 -9.93 14.06
C ALA A 60 6.19 -10.31 15.27
N PHE A 61 5.67 -11.17 16.16
CA PHE A 61 6.39 -11.52 17.38
C PHE A 61 7.56 -12.50 17.17
N ASP A 62 7.75 -12.99 15.93
CA ASP A 62 8.92 -13.81 15.58
C ASP A 62 10.11 -12.93 15.10
N HIS A 63 9.92 -11.59 15.01
CA HIS A 63 10.97 -10.67 14.59
C HIS A 63 12.01 -10.62 15.70
N PRO A 64 13.29 -10.76 15.35
CA PRO A 64 14.35 -10.75 16.38
C PRO A 64 14.36 -9.45 17.21
N LEU A 65 14.04 -8.31 16.59
CA LEU A 65 14.03 -7.04 17.31
C LEU A 65 12.71 -6.81 18.08
N LEU A 66 11.69 -7.69 17.93
CA LEU A 66 10.44 -7.50 18.65
C LEU A 66 10.32 -8.46 19.84
N LYS A 67 11.47 -8.71 20.51
CA LYS A 67 11.52 -9.46 21.75
C LYS A 67 10.78 -8.67 22.85
N ASN A 68 10.75 -7.30 22.74
CA ASN A 68 9.99 -6.34 23.56
C ASN A 68 8.53 -6.48 23.12
N HIS A 69 7.94 -7.61 23.51
CA HIS A 69 6.63 -8.12 23.15
C HIS A 69 5.45 -7.22 23.42
N THR A 70 5.52 -6.24 24.33
CA THR A 70 4.34 -5.47 24.72
C THR A 70 3.53 -4.91 23.52
N LEU A 71 2.42 -5.58 23.27
CA LEU A 71 1.48 -5.29 22.23
C LEU A 71 0.74 -4.02 22.59
N GLN A 72 0.92 -2.95 21.79
CA GLN A 72 0.17 -1.73 22.04
C GLN A 72 -1.24 -2.01 21.54
N MET A 73 -2.17 -2.28 22.47
CA MET A 73 -3.53 -2.66 22.12
C MET A 73 -4.25 -1.55 21.35
N GLN A 74 -3.96 -0.29 21.67
CA GLN A 74 -4.60 0.85 21.01
C GLN A 74 -3.66 2.07 20.98
N PRO A 75 -3.82 2.99 20.00
CA PRO A 75 -2.95 4.18 19.98
C PRO A 75 -3.12 5.06 21.21
N SER A 76 -2.05 5.71 21.65
CA SER A 76 -2.10 6.58 22.84
C SER A 76 -2.80 7.89 22.52
N ASN A 86 -18.56 0.29 8.00
CA ASN A 86 -19.16 -0.38 6.84
C ASN A 86 -18.10 -0.71 5.79
N LYS A 87 -17.21 0.24 5.49
CA LYS A 87 -16.17 0.06 4.46
C LYS A 87 -15.11 -0.96 4.85
N LEU A 88 -14.95 -1.26 6.15
CA LEU A 88 -13.99 -2.28 6.58
C LEU A 88 -14.61 -3.68 6.67
N GLU A 89 -15.93 -3.80 6.48
CA GLU A 89 -16.56 -5.10 6.46
C GLU A 89 -16.19 -5.75 5.14
N GLN A 90 -15.79 -6.99 5.19
CA GLN A 90 -15.39 -7.75 4.00
C GLN A 90 -16.34 -8.90 3.78
N PRO A 91 -16.49 -9.36 2.51
CA PRO A 91 -17.48 -10.42 2.23
C PRO A 91 -17.29 -11.75 2.96
N TRP A 92 -16.06 -12.09 3.38
CA TRP A 92 -15.84 -13.37 4.05
C TRP A 92 -16.59 -13.45 5.40
N HIS A 93 -17.03 -12.30 5.97
CA HIS A 93 -17.79 -12.30 7.21
C HIS A 93 -19.13 -13.05 7.09
N LYS A 94 -19.62 -13.24 5.87
CA LYS A 94 -20.80 -14.03 5.56
C LYS A 94 -20.62 -15.48 6.07
N ASN A 95 -19.38 -16.00 6.08
CA ASN A 95 -19.13 -17.37 6.49
C ASN A 95 -18.51 -17.52 7.89
N GLY A 96 -18.24 -16.42 8.58
CA GLY A 96 -17.72 -16.50 9.94
C GLY A 96 -16.98 -15.25 10.39
N GLU A 97 -16.71 -15.18 11.69
CA GLU A 97 -15.96 -14.10 12.31
C GLU A 97 -14.80 -14.65 13.11
N CYS A 98 -13.75 -13.86 13.28
CA CYS A 98 -12.64 -14.28 14.11
C CYS A 98 -13.01 -14.03 15.57
N PRO A 99 -12.71 -14.98 16.44
CA PRO A 99 -12.98 -14.77 17.87
C PRO A 99 -12.20 -13.60 18.44
N LYS A 100 -12.69 -13.02 19.55
CA LYS A 100 -11.98 -11.94 20.25
C LYS A 100 -10.63 -12.47 20.72
N GLY A 101 -9.57 -11.69 20.55
CA GLY A 101 -8.24 -12.14 20.89
C GLY A 101 -7.48 -12.73 19.70
N SER A 102 -8.10 -12.69 18.50
CA SER A 102 -7.45 -13.16 17.29
C SER A 102 -7.56 -12.09 16.18
N ILE A 103 -6.74 -12.22 15.13
CA ILE A 103 -6.77 -11.30 14.00
C ILE A 103 -6.92 -12.09 12.71
N PRO A 104 -7.65 -11.56 11.72
CA PRO A 104 -7.79 -12.28 10.46
C PRO A 104 -6.54 -12.12 9.59
N ILE A 105 -5.92 -13.22 9.19
CA ILE A 105 -4.76 -13.16 8.28
C ILE A 105 -5.11 -13.90 7.01
N ARG A 106 -5.08 -13.23 5.86
CA ARG A 106 -5.37 -13.88 4.57
C ARG A 106 -4.37 -15.00 4.31
N ARG A 107 -4.85 -16.16 3.86
CA ARG A 107 -3.96 -17.28 3.53
C ARG A 107 -3.25 -16.98 2.22
N GLN A 108 -1.91 -16.97 2.24
CA GLN A 108 -1.12 -16.72 1.03
C GLN A 108 -1.41 -17.71 -0.08
N VAL A 109 -1.45 -17.22 -1.30
CA VAL A 109 -1.63 -18.06 -2.47
C VAL A 109 -0.25 -18.22 -3.12
N ILE A 110 0.17 -19.45 -3.36
CA ILE A 110 1.44 -19.76 -3.99
C ILE A 110 1.10 -20.12 -5.42
N THR A 111 1.40 -19.21 -6.34
CA THR A 111 1.08 -19.40 -7.75
C THR A 111 2.14 -20.17 -8.52
N GLY A 112 3.35 -20.24 -8.00
CA GLY A 112 4.47 -20.84 -8.73
C GLY A 112 5.22 -19.81 -9.58
N LEU A 113 4.73 -18.54 -9.59
CA LEU A 113 5.32 -17.43 -10.34
C LEU A 113 6.18 -16.59 -9.41
N PRO A 114 7.32 -16.06 -9.89
CA PRO A 114 8.20 -15.28 -9.01
C PRO A 114 7.57 -13.93 -8.63
N VAL A 115 7.85 -13.44 -7.41
CA VAL A 115 7.38 -12.15 -6.93
C VAL A 115 8.59 -11.24 -6.92
N VAL A 116 8.62 -10.22 -7.78
CA VAL A 116 9.81 -9.35 -7.90
C VAL A 116 10.01 -8.47 -6.67
N LYS A 117 11.24 -7.97 -6.52
CA LYS A 117 11.60 -7.14 -5.38
C LYS A 117 10.93 -5.77 -5.43
N LYS A 118 10.44 -5.31 -4.29
CA LYS A 118 9.84 -3.98 -4.16
C LYS A 118 10.93 -2.90 -4.45
N GLN A 119 10.55 -1.78 -5.08
CA GLN A 119 11.51 -0.74 -5.47
C GLN A 119 11.00 0.68 -5.23
N PHE A 120 11.85 1.57 -4.69
CA PHE A 120 11.48 2.94 -4.39
C PHE A 120 11.38 3.78 -5.68
N PRO A 121 10.40 4.70 -5.81
CA PRO A 121 10.34 5.53 -7.04
C PRO A 121 11.58 6.43 -7.22
N THR A 132 15.69 -0.59 -15.63
CA THR A 132 14.74 -1.31 -14.79
C THR A 132 13.37 -1.41 -15.52
N ASN A 133 12.56 -2.40 -15.13
CA ASN A 133 11.25 -2.61 -15.75
C ASN A 133 10.10 -2.03 -14.93
N HIS A 134 10.38 -1.10 -14.03
CA HIS A 134 9.37 -0.40 -13.25
C HIS A 134 9.14 0.96 -13.87
N GLN A 135 7.88 1.39 -13.93
CA GLN A 135 7.57 2.73 -14.40
C GLN A 135 6.66 3.39 -13.38
N TYR A 136 6.71 4.72 -13.29
CA TYR A 136 5.98 5.45 -12.28
C TYR A 136 5.31 6.70 -12.81
N ALA A 137 4.28 7.16 -12.08
CA ALA A 137 3.67 8.47 -12.22
C ALA A 137 3.38 8.85 -10.81
N VAL A 138 4.39 9.46 -10.17
CA VAL A 138 4.41 9.71 -8.73
C VAL A 138 4.80 11.16 -8.42
N ILE A 139 4.29 11.70 -7.31
CA ILE A 139 4.72 13.02 -6.85
C ILE A 139 5.39 12.82 -5.50
N ALA A 140 6.43 13.60 -5.22
CA ALA A 140 7.20 13.45 -4.00
C ALA A 140 7.29 14.77 -3.25
N TYR A 141 7.07 14.72 -1.93
CA TYR A 141 7.19 15.87 -1.05
C TYR A 141 8.39 15.60 -0.16
N PHE A 142 9.43 16.38 -0.34
CA PHE A 142 10.67 16.21 0.40
C PHE A 142 10.78 17.21 1.53
N TYR A 143 10.69 16.73 2.77
CA TYR A 143 10.88 17.59 3.94
C TYR A 143 12.39 17.76 4.17
N GLY A 144 12.78 18.75 4.94
CA GLY A 144 14.19 19.04 5.20
C GLY A 144 14.87 18.10 6.18
N ASN A 145 14.09 17.41 7.01
CA ASN A 145 14.62 16.48 8.02
C ASN A 145 13.57 15.39 8.30
N ALA A 146 13.97 14.33 9.01
CA ALA A 146 13.08 13.21 9.29
C ALA A 146 12.18 13.50 10.53
N SER A 147 11.28 14.50 10.41
CA SER A 147 10.41 14.85 11.53
C SER A 147 8.92 14.87 11.16
N LEU A 148 8.54 14.48 9.91
CA LEU A 148 7.10 14.37 9.58
C LEU A 148 6.49 13.26 10.45
N GLN A 149 5.35 13.53 11.05
CA GLN A 149 4.73 12.58 11.98
C GLN A 149 3.58 11.76 11.42
N GLY A 150 3.39 11.80 10.11
CA GLY A 150 2.33 11.04 9.48
C GLY A 150 1.96 11.58 8.11
N ALA A 151 1.13 10.83 7.39
CA ALA A 151 0.67 11.28 6.09
C ALA A 151 -0.61 10.57 5.75
N ASN A 152 -1.43 11.21 4.88
CA ASN A 152 -2.68 10.65 4.43
C ASN A 152 -2.64 10.40 2.94
N ALA A 153 -3.54 9.55 2.45
CA ALA A 153 -3.72 9.32 1.03
C ALA A 153 -5.12 8.80 0.82
N THR A 154 -5.91 9.40 -0.07
CA THR A 154 -7.24 8.86 -0.40
C THR A 154 -7.14 8.52 -1.86
N ILE A 155 -6.98 7.25 -2.13
CA ILE A 155 -6.64 6.73 -3.42
C ILE A 155 -7.85 6.15 -4.16
N ASN A 156 -8.12 6.66 -5.36
CA ASN A 156 -9.19 6.12 -6.20
C ASN A 156 -8.81 4.67 -6.59
N ILE A 157 -9.77 3.74 -6.51
CA ILE A 157 -9.56 2.31 -6.79
C ILE A 157 -10.02 1.94 -8.19
N TRP A 158 -9.16 1.24 -8.92
CA TRP A 158 -9.46 0.75 -10.25
C TRP A 158 -8.89 -0.66 -10.39
N GLU A 159 -9.27 -1.36 -11.45
CA GLU A 159 -8.71 -2.67 -11.81
C GLU A 159 -7.99 -2.50 -13.16
N PRO A 160 -6.80 -1.87 -13.16
CA PRO A 160 -6.05 -1.71 -14.41
C PRO A 160 -5.74 -3.06 -15.05
N ASN A 161 -5.81 -3.11 -16.36
CA ASN A 161 -5.55 -4.34 -17.11
C ASN A 161 -4.06 -4.56 -17.30
N LEU A 162 -3.61 -5.82 -17.22
CA LEU A 162 -2.21 -6.19 -17.42
C LEU A 162 -2.03 -6.90 -18.76
N LYS A 163 -1.04 -6.48 -19.56
CA LYS A 163 -0.76 -7.12 -20.83
C LYS A 163 -0.22 -8.54 -20.58
N ASN A 164 0.65 -8.69 -19.55
CA ASN A 164 1.25 -9.98 -19.22
C ASN A 164 0.90 -10.31 -17.75
N PRO A 165 -0.33 -10.81 -17.52
CA PRO A 165 -0.80 -10.99 -16.15
C PRO A 165 -0.02 -11.95 -15.27
N ASN A 166 0.75 -12.88 -15.84
CA ASN A 166 1.52 -13.81 -15.01
C ASN A 166 2.81 -13.19 -14.43
N GLY A 167 3.20 -11.99 -14.87
CA GLY A 167 4.42 -11.36 -14.40
C GLY A 167 4.34 -9.89 -14.05
N ASP A 168 3.41 -9.17 -14.65
CA ASP A 168 3.24 -7.74 -14.42
C ASP A 168 2.51 -7.41 -13.12
N PHE A 169 2.56 -6.13 -12.73
CA PHE A 169 1.72 -5.63 -11.66
C PHE A 169 1.43 -4.17 -11.92
N SER A 170 0.40 -3.68 -11.27
CA SER A 170 0.04 -2.27 -11.35
C SER A 170 -0.45 -1.89 -10.01
N LEU A 171 0.07 -0.79 -9.45
CA LEU A 171 -0.34 -0.42 -8.10
C LEU A 171 -0.51 1.08 -7.98
N THR A 172 -1.13 1.49 -6.90
CA THR A 172 -1.22 2.89 -6.48
C THR A 172 -1.04 2.91 -4.98
N GLN A 173 -0.11 3.72 -4.45
CA GLN A 173 0.13 3.70 -3.02
C GLN A 173 0.72 5.00 -2.51
N ILE A 174 0.92 5.05 -1.18
CA ILE A 174 1.71 6.07 -0.52
C ILE A 174 3.02 5.40 -0.12
N TRP A 175 4.10 6.17 -0.14
CA TRP A 175 5.40 5.79 0.36
C TRP A 175 5.76 6.83 1.41
N ILE A 176 6.03 6.39 2.63
CA ILE A 176 6.49 7.29 3.67
C ILE A 176 7.88 6.80 4.03
N SER A 177 8.90 7.68 4.01
CA SER A 177 10.24 7.19 4.23
C SER A 177 11.18 8.15 4.95
N ALA A 178 12.30 7.61 5.39
CA ALA A 178 13.42 8.32 5.97
C ALA A 178 14.68 7.61 5.54
N GLY A 179 15.79 8.33 5.53
CA GLY A 179 17.06 7.74 5.17
C GLY A 179 17.27 7.52 3.69
N SER A 180 18.37 6.86 3.34
CA SER A 180 18.68 6.60 1.94
C SER A 180 19.55 5.36 1.79
N GLY A 181 19.53 4.77 0.61
CA GLY A 181 20.32 3.58 0.31
C GLY A 181 20.09 2.43 1.25
N SER A 182 21.15 1.93 1.89
CA SER A 182 21.03 0.78 2.79
C SER A 182 20.28 1.14 4.10
N SER A 183 20.09 2.44 4.40
CA SER A 183 19.34 2.81 5.61
C SER A 183 17.97 3.41 5.25
N LEU A 184 17.50 3.22 3.98
CA LEU A 184 16.17 3.67 3.60
C LEU A 184 15.13 2.86 4.38
N ASN A 185 14.24 3.55 5.12
CA ASN A 185 13.14 2.94 5.88
C ASN A 185 11.85 3.36 5.21
N THR A 186 10.93 2.43 4.95
CA THR A 186 9.66 2.79 4.32
C THR A 186 8.48 2.25 5.11
N ILE A 187 7.35 2.94 4.98
CA ILE A 187 6.00 2.61 5.46
C ILE A 187 5.14 2.74 4.23
N GLU A 188 4.47 1.66 3.81
CA GLU A 188 3.75 1.69 2.54
C GLU A 188 2.37 1.08 2.66
N ALA A 189 1.40 1.68 1.96
CA ALA A 189 0.02 1.20 1.90
C ALA A 189 -0.64 1.67 0.60
N GLY A 190 -1.41 0.79 -0.02
CA GLY A 190 -2.15 1.15 -1.22
C GLY A 190 -2.89 -0.05 -1.78
N TRP A 191 -3.22 0.00 -3.07
CA TRP A 191 -3.84 -1.13 -3.73
C TRP A 191 -2.92 -1.63 -4.82
N GLN A 192 -3.02 -2.93 -5.12
CA GLN A 192 -2.19 -3.53 -6.15
C GLN A 192 -2.93 -4.64 -6.87
N VAL A 193 -2.74 -4.70 -8.21
CA VAL A 193 -3.15 -5.80 -9.07
C VAL A 193 -1.88 -6.59 -9.35
N TYR A 194 -1.71 -7.78 -8.78
CA TYR A 194 -0.49 -8.57 -8.99
C TYR A 194 -0.82 -10.04 -8.95
N PRO A 195 -1.32 -10.60 -10.06
CA PRO A 195 -1.70 -12.02 -10.05
C PRO A 195 -0.60 -12.99 -9.62
N GLY A 196 0.66 -12.72 -10.02
CA GLY A 196 1.78 -13.55 -9.63
C GLY A 196 1.92 -13.69 -8.12
N ARG A 197 1.55 -12.65 -7.39
CA ARG A 197 1.63 -12.65 -5.95
C ARG A 197 0.31 -13.05 -5.27
N THR A 198 -0.81 -12.48 -5.73
CA THR A 198 -2.09 -12.64 -5.04
C THR A 198 -2.95 -13.79 -5.53
N GLY A 199 -2.73 -14.23 -6.75
CA GLY A 199 -3.51 -15.31 -7.36
C GLY A 199 -4.58 -14.84 -8.31
N ASP A 200 -4.92 -13.51 -8.34
CA ASP A 200 -5.95 -13.04 -9.28
C ASP A 200 -5.67 -11.58 -9.77
N SER A 201 -6.57 -11.02 -10.60
CA SER A 201 -6.37 -9.71 -11.22
C SER A 201 -7.16 -8.60 -10.51
N GLN A 202 -7.68 -8.83 -9.29
CA GLN A 202 -8.41 -7.79 -8.59
C GLN A 202 -7.46 -6.84 -7.88
N PRO A 203 -7.83 -5.55 -7.74
CA PRO A 203 -7.00 -4.66 -6.92
C PRO A 203 -7.18 -5.08 -5.46
N ARG A 204 -6.08 -5.26 -4.74
CA ARG A 204 -6.10 -5.73 -3.37
C ARG A 204 -5.36 -4.77 -2.49
N PHE A 205 -5.88 -4.55 -1.29
CA PHE A 205 -5.19 -3.69 -0.32
C PHE A 205 -3.89 -4.34 0.09
N PHE A 206 -2.81 -3.56 0.15
CA PHE A 206 -1.54 -4.11 0.59
C PHE A 206 -0.83 -3.13 1.51
N ILE A 207 0.08 -3.68 2.32
CA ILE A 207 1.04 -2.88 3.06
C ILE A 207 2.44 -3.41 2.70
N TYR A 208 3.44 -2.58 2.93
CA TYR A 208 4.82 -2.96 2.73
C TYR A 208 5.68 -2.14 3.70
N TRP A 209 6.86 -2.64 3.96
CA TRP A 209 7.87 -1.92 4.73
C TRP A 209 9.24 -2.46 4.42
N THR A 210 10.26 -1.67 4.69
CA THR A 210 11.65 -2.11 4.68
C THR A 210 12.41 -1.25 5.66
N ALA A 211 13.47 -1.80 6.23
CA ALA A 211 14.35 -1.03 7.09
C ALA A 211 15.76 -0.92 6.46
N ASP A 212 16.00 -1.47 5.23
CA ASP A 212 17.34 -1.39 4.65
C ASP A 212 17.29 -1.25 3.11
N GLY A 213 16.38 -0.41 2.63
CA GLY A 213 16.27 -0.16 1.20
C GLY A 213 16.01 -1.40 0.36
N TYR A 214 15.19 -2.32 0.90
CA TYR A 214 14.76 -3.55 0.25
C TYR A 214 15.88 -4.57 0.01
N THR A 215 17.00 -4.48 0.74
CA THR A 215 18.08 -5.45 0.56
C THR A 215 17.75 -6.80 1.22
N SER A 216 17.43 -6.80 2.53
CA SER A 216 17.18 -8.04 3.25
C SER A 216 16.05 -7.93 4.26
N THR A 217 15.38 -6.78 4.40
CA THR A 217 14.29 -6.64 5.37
C THR A 217 13.02 -6.20 4.66
N GLY A 218 11.90 -6.60 5.22
CA GLY A 218 10.60 -6.18 4.72
C GLY A 218 9.88 -7.17 3.85
N CYS A 219 8.59 -6.93 3.67
CA CYS A 219 7.72 -7.83 2.94
C CYS A 219 6.35 -7.18 2.75
N TYR A 220 5.52 -7.85 1.96
CA TYR A 220 4.14 -7.46 1.80
C TYR A 220 3.33 -8.00 2.93
N ASP A 221 2.31 -7.23 3.37
CA ASP A 221 1.25 -7.63 4.28
C ASP A 221 1.83 -8.33 5.55
N LEU A 222 1.29 -9.47 5.95
CA LEU A 222 1.79 -10.17 7.13
C LEU A 222 2.54 -11.45 6.75
N THR A 223 3.22 -11.44 5.58
CA THR A 223 3.97 -12.59 5.09
C THR A 223 5.36 -12.72 5.77
N CYS A 224 5.79 -11.72 6.51
CA CYS A 224 7.00 -11.77 7.32
C CYS A 224 6.74 -11.02 8.63
N PRO A 225 7.52 -11.28 9.68
CA PRO A 225 7.36 -10.50 10.93
C PRO A 225 7.69 -9.02 10.72
N GLY A 226 6.76 -8.15 11.12
CA GLY A 226 6.99 -6.72 11.00
C GLY A 226 5.81 -5.95 11.54
N PHE A 227 4.79 -5.71 10.69
CA PHE A 227 3.55 -5.04 11.05
C PHE A 227 2.77 -5.85 12.10
N VAL A 228 2.31 -5.15 13.14
CA VAL A 228 1.51 -5.74 14.21
C VAL A 228 0.07 -5.36 13.98
N GLN A 229 -0.78 -6.35 13.70
CA GLN A 229 -2.18 -6.07 13.47
C GLN A 229 -2.97 -6.19 14.77
N THR A 230 -3.81 -5.19 15.05
CA THR A 230 -4.65 -5.18 16.23
C THR A 230 -6.14 -5.37 15.88
N ASN A 231 -6.53 -5.08 14.63
CA ASN A 231 -7.92 -5.16 14.21
C ASN A 231 -8.38 -6.64 14.03
N ASN A 232 -9.50 -7.00 14.70
CA ASN A 232 -10.08 -8.35 14.73
C ASN A 232 -10.96 -8.71 13.49
N TYR A 233 -11.32 -7.74 12.61
CA TYR A 233 -12.26 -8.09 11.54
C TYR A 233 -11.79 -7.75 10.13
N TYR A 234 -10.75 -6.93 9.98
CA TYR A 234 -10.28 -6.55 8.65
C TYR A 234 -9.02 -7.32 8.25
N ALA A 235 -9.12 -8.15 7.22
CA ALA A 235 -7.98 -8.91 6.73
C ALA A 235 -7.25 -8.12 5.64
N ILE A 236 -5.95 -7.92 5.81
CA ILE A 236 -5.13 -7.25 4.81
C ILE A 236 -4.90 -8.20 3.62
N GLY A 237 -4.88 -7.66 2.41
CA GLY A 237 -4.64 -8.49 1.23
C GLY A 237 -5.88 -8.89 0.47
N MET A 238 -7.07 -8.40 0.89
CA MET A 238 -8.33 -8.75 0.24
C MET A 238 -8.65 -7.78 -0.91
N ALA A 239 -9.58 -8.17 -1.78
CA ALA A 239 -9.97 -7.36 -2.90
C ALA A 239 -10.68 -6.09 -2.47
N LEU A 240 -10.56 -5.07 -3.29
CA LEU A 240 -11.26 -3.81 -3.12
C LEU A 240 -12.23 -3.69 -4.30
N GLN A 241 -13.25 -2.85 -4.15
CA GLN A 241 -14.22 -2.64 -5.20
C GLN A 241 -13.69 -1.62 -6.21
N PRO A 242 -13.54 -1.99 -7.49
CA PRO A 242 -13.02 -1.02 -8.46
C PRO A 242 -14.07 -0.03 -8.92
N SER A 243 -13.61 1.18 -9.24
CA SER A 243 -14.45 2.23 -9.80
C SER A 243 -14.94 1.84 -11.20
N VAL A 244 -15.98 2.49 -11.66
CA VAL A 244 -16.52 2.25 -12.98
C VAL A 244 -16.23 3.44 -13.86
N TYR A 245 -15.67 3.21 -15.04
CA TYR A 245 -15.36 4.28 -16.00
C TYR A 245 -16.62 5.06 -16.37
N GLY A 246 -16.60 6.36 -16.08
CA GLY A 246 -17.75 7.24 -16.29
C GLY A 246 -18.89 6.99 -15.31
N GLY A 247 -18.62 6.25 -14.23
CA GLY A 247 -19.63 5.90 -13.24
C GLY A 247 -19.16 6.02 -11.81
N GLN A 248 -19.68 5.14 -10.95
CA GLN A 248 -19.40 5.14 -9.52
C GLN A 248 -17.92 5.05 -9.22
N GLN A 249 -17.44 5.97 -8.40
CA GLN A 249 -16.04 5.97 -7.98
C GLN A 249 -15.90 5.43 -6.55
N TYR A 250 -14.86 4.62 -6.31
CA TYR A 250 -14.52 4.06 -5.02
C TYR A 250 -13.14 4.54 -4.59
N GLU A 251 -12.96 4.75 -3.29
CA GLU A 251 -11.73 5.28 -2.71
C GLU A 251 -11.23 4.47 -1.56
N LEU A 252 -9.92 4.43 -1.41
CA LEU A 252 -9.21 3.81 -0.32
C LEU A 252 -8.61 4.94 0.51
N ASN A 253 -9.22 5.25 1.67
CA ASN A 253 -8.66 6.27 2.54
C ASN A 253 -7.73 5.61 3.55
N GLU A 254 -6.50 6.11 3.57
CA GLU A 254 -5.52 5.59 4.54
C GLU A 254 -4.82 6.74 5.20
N SER A 255 -4.57 6.56 6.48
CA SER A 255 -3.94 7.58 7.29
C SER A 255 -2.92 6.90 8.17
N ILE A 256 -1.65 7.36 8.08
CA ILE A 256 -0.55 6.79 8.84
C ILE A 256 -0.07 7.83 9.82
N GLN A 257 0.01 7.47 11.12
CA GLN A 257 0.31 8.43 12.16
C GLN A 257 1.28 7.87 13.19
N ARG A 258 2.40 8.56 13.41
CA ARG A 258 3.37 8.16 14.42
C ARG A 258 2.84 8.52 15.81
N ASP A 259 2.83 7.54 16.70
CA ASP A 259 2.40 7.72 18.08
C ASP A 259 3.51 8.43 18.81
N PRO A 260 3.28 9.67 19.32
CA PRO A 260 4.40 10.42 19.93
C PRO A 260 4.97 9.74 21.18
N ALA A 261 4.16 8.96 21.91
CA ALA A 261 4.61 8.29 23.13
C ALA A 261 5.47 7.05 22.86
N THR A 262 5.16 6.26 21.81
CA THR A 262 5.91 5.00 21.57
C THR A 262 6.75 4.98 20.29
N GLY A 263 6.46 5.86 19.35
CA GLY A 263 7.13 5.85 18.05
C GLY A 263 6.52 4.86 17.08
N ASN A 264 5.52 4.08 17.51
CA ASN A 264 4.83 3.12 16.66
C ASN A 264 4.01 3.86 15.58
N TRP A 265 4.06 3.37 14.36
CA TRP A 265 3.35 4.02 13.26
C TRP A 265 2.03 3.34 13.00
N TRP A 266 0.94 3.98 13.40
CA TRP A 266 -0.39 3.40 13.26
C TRP A 266 -1.00 3.60 11.89
N LEU A 267 -1.68 2.57 11.41
CA LEU A 267 -2.40 2.60 10.14
C LEU A 267 -3.88 2.69 10.43
N TYR A 268 -4.54 3.65 9.80
CA TYR A 268 -5.99 3.81 9.86
C TYR A 268 -6.55 3.65 8.45
N LEU A 269 -7.60 2.84 8.27
CA LEU A 269 -8.28 2.75 6.98
C LEU A 269 -9.69 3.27 7.17
N TRP A 270 -10.08 4.33 6.44
CA TRP A 270 -11.37 5.00 6.56
C TRP A 270 -11.67 5.38 8.04
N GLY A 271 -10.65 5.84 8.76
CA GLY A 271 -10.75 6.25 10.16
C GLY A 271 -10.71 5.15 11.21
N THR A 272 -10.55 3.89 10.80
CA THR A 272 -10.51 2.77 11.74
C THR A 272 -9.10 2.22 11.87
N VAL A 273 -8.65 1.95 13.11
CA VAL A 273 -7.32 1.40 13.36
C VAL A 273 -7.20 -0.03 12.81
N VAL A 274 -6.10 -0.32 12.13
CA VAL A 274 -5.82 -1.66 11.61
C VAL A 274 -4.68 -2.27 12.45
N GLY A 275 -3.63 -1.50 12.65
CA GLY A 275 -2.51 -1.93 13.45
C GLY A 275 -1.36 -0.94 13.32
N TYR A 276 -0.14 -1.39 13.58
CA TYR A 276 1.00 -0.49 13.50
C TYR A 276 2.29 -1.15 13.03
N TRP A 277 3.20 -0.33 12.45
CA TRP A 277 4.57 -0.71 12.16
C TRP A 277 5.35 -0.31 13.40
N PRO A 278 5.87 -1.26 14.17
CA PRO A 278 6.57 -0.88 15.40
C PRO A 278 7.84 -0.09 15.14
N ALA A 279 8.15 0.85 16.02
CA ALA A 279 9.39 1.63 15.91
C ALA A 279 10.62 0.70 15.97
N SER A 280 10.54 -0.41 16.74
CA SER A 280 11.69 -1.31 16.95
C SER A 280 12.16 -2.04 15.70
N ILE A 281 11.37 -2.11 14.63
CA ILE A 281 11.85 -2.74 13.39
C ILE A 281 12.62 -1.75 12.50
N TYR A 282 12.65 -0.46 12.86
CA TYR A 282 13.24 0.60 12.06
C TYR A 282 14.48 1.24 12.68
N ASN A 283 15.14 2.13 11.91
CA ASN A 283 16.26 2.88 12.43
C ASN A 283 16.10 4.36 11.99
N SER A 284 16.22 4.65 10.71
CA SER A 284 16.16 6.03 10.22
CA SER A 284 16.14 5.99 10.16
C SER A 284 14.81 6.71 10.44
N ILE A 285 13.68 5.97 10.43
CA ILE A 285 12.37 6.63 10.57
C ILE A 285 11.77 6.62 11.99
N THR A 286 12.53 6.21 13.04
CA THR A 286 11.94 6.10 14.37
C THR A 286 11.39 7.44 14.93
N ASN A 287 11.93 8.57 14.54
CA ASN A 287 11.50 9.88 15.06
C ASN A 287 10.60 10.67 14.11
N GLY A 288 10.36 10.14 12.92
CA GLY A 288 9.58 10.80 11.90
C GLY A 288 10.15 10.51 10.52
N ALA A 289 9.45 10.94 9.50
CA ALA A 289 9.79 10.72 8.11
C ALA A 289 10.32 11.98 7.43
N ASP A 290 11.16 11.81 6.42
CA ASP A 290 11.67 12.98 5.68
C ASP A 290 11.02 13.07 4.29
N THR A 291 10.33 12.03 3.82
CA THR A 291 9.78 12.04 2.47
C THR A 291 8.46 11.35 2.41
N VAL A 292 7.55 11.88 1.60
CA VAL A 292 6.26 11.24 1.35
C VAL A 292 6.05 11.29 -0.14
N GLU A 293 5.70 10.14 -0.74
CA GLU A 293 5.42 10.08 -2.18
C GLU A 293 4.04 9.43 -2.38
N TRP A 294 3.37 9.81 -3.47
CA TRP A 294 2.05 9.29 -3.80
C TRP A 294 1.96 8.99 -5.29
N GLY A 295 1.23 7.93 -5.65
CA GLY A 295 0.99 7.69 -7.07
C GLY A 295 1.10 6.28 -7.55
N GLY A 296 1.24 6.14 -8.85
CA GLY A 296 1.19 4.86 -9.51
C GLY A 296 2.50 4.25 -9.91
N GLU A 297 2.45 2.95 -10.08
CA GLU A 297 3.62 2.20 -10.51
C GLU A 297 3.20 0.98 -11.25
N ILE A 298 3.95 0.64 -12.31
CA ILE A 298 3.72 -0.61 -12.99
C ILE A 298 5.02 -1.40 -13.07
N TYR A 299 4.91 -2.72 -13.21
CA TYR A 299 6.07 -3.57 -13.43
C TYR A 299 5.84 -4.26 -14.75
N ASP A 300 6.77 -4.08 -15.67
CA ASP A 300 6.70 -4.62 -17.02
C ASP A 300 7.53 -5.88 -17.16
N SER A 301 6.92 -7.06 -16.99
CA SER A 301 7.64 -8.33 -17.13
C SER A 301 8.05 -8.63 -18.59
N SER A 302 7.54 -7.87 -19.59
CA SER A 302 7.92 -8.11 -20.98
C SER A 302 9.33 -7.54 -21.32
N GLY A 303 9.95 -6.79 -20.40
CA GLY A 303 11.29 -6.25 -20.57
C GLY A 303 11.46 -5.05 -21.47
N THR A 304 10.39 -4.26 -21.69
CA THR A 304 10.55 -3.03 -22.50
C THR A 304 10.83 -1.80 -21.62
N GLY A 305 11.17 -2.01 -20.33
CA GLY A 305 11.40 -0.93 -19.38
C GLY A 305 10.14 -0.14 -19.06
N GLY A 306 8.97 -0.69 -19.37
CA GLY A 306 7.71 0.02 -19.19
C GLY A 306 7.49 1.08 -20.25
N PHE A 307 8.30 1.09 -21.32
CA PHE A 307 8.13 2.05 -22.43
C PHE A 307 7.27 1.52 -23.58
N HIS A 308 7.09 0.19 -23.68
CA HIS A 308 6.30 -0.36 -24.78
C HIS A 308 5.38 -1.48 -24.34
N THR A 309 4.60 -1.22 -23.28
CA THR A 309 3.59 -2.18 -22.85
C THR A 309 2.27 -1.46 -22.60
N THR A 310 1.17 -2.12 -22.97
CA THR A 310 -0.16 -1.58 -22.69
C THR A 310 -0.70 -2.08 -21.32
N THR A 311 0.20 -2.50 -20.41
CA THR A 311 -0.16 -2.71 -19.01
C THR A 311 -0.54 -1.33 -18.47
N GLN A 312 -1.67 -1.25 -17.82
CA GLN A 312 -2.23 0.02 -17.39
C GLN A 312 -1.83 0.47 -16.00
N MET A 313 -1.77 1.79 -15.82
CA MET A 313 -1.54 2.42 -14.55
C MET A 313 -2.78 3.25 -14.22
N GLY A 314 -3.21 3.19 -12.97
CA GLY A 314 -4.42 3.89 -12.52
C GLY A 314 -5.64 3.22 -13.13
N SER A 315 -6.41 3.97 -13.88
CA SER A 315 -7.58 3.44 -14.57
C SER A 315 -7.24 2.89 -15.98
N GLY A 316 -6.02 3.15 -16.46
CA GLY A 316 -5.63 2.84 -17.82
C GLY A 316 -5.87 4.00 -18.75
N HIS A 317 -6.32 5.16 -18.22
CA HIS A 317 -6.58 6.35 -19.00
C HIS A 317 -5.67 7.47 -18.48
N PHE A 318 -5.24 8.36 -19.36
CA PHE A 318 -4.34 9.44 -18.99
C PHE A 318 -5.06 10.45 -18.07
N PRO A 319 -4.28 11.15 -17.21
CA PRO A 319 -4.86 12.11 -16.25
C PRO A 319 -5.78 13.18 -16.82
N THR A 320 -5.50 13.68 -18.01
CA THR A 320 -6.31 14.71 -18.63
C THR A 320 -7.76 14.26 -18.88
N GLU A 321 -8.08 12.94 -18.83
CA GLU A 321 -9.49 12.50 -18.95
C GLU A 321 -10.32 12.94 -17.70
N GLY A 322 -9.66 13.17 -16.57
CA GLY A 322 -10.31 13.72 -15.40
C GLY A 322 -11.18 12.78 -14.60
N TYR A 323 -11.92 13.38 -13.65
CA TYR A 323 -12.76 12.69 -12.68
C TYR A 323 -13.72 11.70 -13.33
N GLY A 324 -13.73 10.49 -12.79
CA GLY A 324 -14.57 9.41 -13.28
C GLY A 324 -13.92 8.59 -14.37
N LYS A 325 -12.80 9.07 -14.96
CA LYS A 325 -12.19 8.40 -16.11
C LYS A 325 -10.71 8.10 -15.87
N ALA A 326 -10.00 9.05 -15.29
CA ALA A 326 -8.61 8.89 -14.89
C ALA A 326 -8.57 8.73 -13.38
N SER A 327 -7.64 7.91 -12.88
CA SER A 327 -7.52 7.70 -11.44
C SER A 327 -6.87 8.89 -10.75
N TYR A 328 -7.19 9.07 -9.47
CA TYR A 328 -6.63 10.16 -8.70
C TYR A 328 -6.19 9.71 -7.30
N VAL A 329 -5.40 10.56 -6.66
CA VAL A 329 -5.02 10.51 -5.26
C VAL A 329 -5.37 11.90 -4.70
N ARG A 330 -6.13 11.94 -3.64
CA ARG A 330 -6.45 13.20 -2.98
C ARG A 330 -6.08 13.06 -1.49
N ASP A 331 -6.38 14.09 -0.66
CA ASP A 331 -5.96 14.17 0.74
C ASP A 331 -4.45 14.07 0.83
N LEU A 332 -3.76 14.83 -0.05
CA LEU A 332 -2.30 14.86 -0.14
C LEU A 332 -1.79 15.69 1.02
N GLN A 333 -1.75 15.03 2.19
CA GLN A 333 -1.47 15.70 3.42
C GLN A 333 -0.44 14.99 4.25
N CYS A 334 0.35 15.76 4.97
CA CYS A 334 1.29 15.19 5.93
CA CYS A 334 1.39 15.30 5.90
C CYS A 334 1.16 15.96 7.26
N VAL A 335 1.86 15.50 8.30
CA VAL A 335 1.75 16.08 9.65
C VAL A 335 3.15 16.51 10.07
N ASP A 336 3.32 17.74 10.60
CA ASP A 336 4.66 18.18 11.05
C ASP A 336 4.91 17.74 12.53
N THR A 337 6.08 18.08 13.18
CA THR A 337 6.29 17.65 14.59
C THR A 337 5.35 18.29 15.57
N TYR A 338 4.74 19.42 15.22
CA TYR A 338 3.81 20.09 16.13
C TYR A 338 2.36 19.57 16.00
N GLY A 339 2.13 18.57 15.14
CA GLY A 339 0.80 18.02 14.95
C GLY A 339 -0.05 18.75 13.92
N ASN A 340 0.52 19.74 13.21
CA ASN A 340 -0.23 20.47 12.18
C ASN A 340 -0.33 19.69 10.89
N VAL A 341 -1.52 19.68 10.27
CA VAL A 341 -1.69 19.05 8.98
C VAL A 341 -1.21 20.00 7.89
N ILE A 342 -0.22 19.57 7.13
CA ILE A 342 0.35 20.30 6.00
C ILE A 342 -0.31 19.81 4.73
N SER A 343 -0.80 20.72 3.90
CA SER A 343 -1.38 20.40 2.60
C SER A 343 -0.51 21.08 1.58
N PRO A 344 0.54 20.41 1.09
CA PRO A 344 1.44 21.06 0.14
C PRO A 344 0.76 21.49 -1.15
N THR A 345 1.18 22.64 -1.69
CA THR A 345 0.67 23.13 -2.97
C THR A 345 1.30 22.33 -4.11
N ALA A 346 0.70 22.36 -5.31
CA ALA A 346 1.22 21.66 -6.49
C ALA A 346 2.70 21.94 -6.77
N ASN A 347 3.12 23.19 -6.68
CA ASN A 347 4.52 23.55 -6.96
C ASN A 347 5.51 23.06 -5.87
N SER A 348 5.02 22.55 -4.74
CA SER A 348 5.89 22.03 -3.68
C SER A 348 6.33 20.57 -3.90
N PHE A 349 5.77 19.87 -4.92
CA PHE A 349 6.13 18.48 -5.19
C PHE A 349 7.10 18.33 -6.35
N GLN A 350 7.89 17.25 -6.33
CA GLN A 350 8.72 16.85 -7.46
C GLN A 350 7.94 15.75 -8.21
N GLY A 351 7.80 15.87 -9.53
CA GLY A 351 7.14 14.83 -10.32
C GLY A 351 8.12 13.76 -10.75
N ILE A 352 7.69 12.50 -10.79
CA ILE A 352 8.49 11.34 -11.21
C ILE A 352 7.68 10.59 -12.25
N ALA A 353 7.95 10.84 -13.52
CA ALA A 353 7.22 10.20 -14.61
C ALA A 353 8.20 9.96 -15.76
N PRO A 354 8.98 8.86 -15.68
CA PRO A 354 10.05 8.65 -16.67
C PRO A 354 9.60 8.18 -18.04
N ALA A 355 8.34 7.73 -18.20
CA ALA A 355 7.81 7.37 -19.52
C ALA A 355 6.53 8.18 -19.74
N PRO A 356 6.65 9.53 -19.88
CA PRO A 356 5.45 10.38 -19.92
C PRO A 356 4.52 10.18 -21.10
N ASN A 357 5.00 9.56 -22.19
CA ASN A 357 4.13 9.24 -23.32
C ASN A 357 3.24 8.01 -23.02
N CYS A 358 3.52 7.28 -21.91
CA CYS A 358 2.85 6.04 -21.57
C CYS A 358 2.01 6.20 -20.29
N TYR A 359 2.58 6.85 -19.27
CA TYR A 359 2.01 7.08 -17.95
C TYR A 359 2.47 8.42 -17.48
N ASN A 360 1.57 9.24 -16.97
CA ASN A 360 1.91 10.60 -16.59
CA ASN A 360 2.00 10.56 -16.49
C ASN A 360 1.01 11.07 -15.43
N TYR A 361 1.16 12.31 -14.99
CA TYR A 361 0.34 12.85 -13.93
C TYR A 361 -0.04 14.27 -14.26
N GLN A 362 -1.10 14.73 -13.62
CA GLN A 362 -1.52 16.11 -13.74
C GLN A 362 -2.22 16.52 -12.47
N PHE A 363 -1.89 17.70 -11.96
CA PHE A 363 -2.61 18.25 -10.83
C PHE A 363 -3.87 18.90 -11.31
N GLN A 364 -4.94 18.74 -10.55
CA GLN A 364 -6.18 19.42 -10.84
C GLN A 364 -6.48 20.23 -9.60
N GLN A 365 -6.43 21.56 -9.78
CA GLN A 365 -6.55 22.63 -8.79
C GLN A 365 -7.89 23.40 -8.92
N GLY A 366 -8.17 24.29 -7.98
CA GLY A 366 -9.40 25.06 -7.99
C GLY A 366 -10.46 24.54 -7.04
N SER A 367 -10.33 23.29 -6.57
CA SER A 367 -11.32 22.71 -5.66
C SER A 367 -10.88 22.94 -4.19
N SER A 368 -11.63 22.40 -3.20
CA SER A 368 -11.24 22.57 -1.78
C SER A 368 -9.90 21.89 -1.44
N GLU A 369 -9.48 20.91 -2.26
CA GLU A 369 -8.20 20.26 -2.05
C GLU A 369 -7.55 19.89 -3.38
N LEU A 370 -6.24 19.69 -3.35
CA LEU A 370 -5.48 19.32 -4.53
C LEU A 370 -5.76 17.86 -4.89
N TYR A 371 -5.98 17.60 -6.19
CA TYR A 371 -6.12 16.26 -6.71
C TYR A 371 -4.91 15.97 -7.56
N LEU A 372 -4.40 14.74 -7.46
CA LEU A 372 -3.36 14.29 -8.36
C LEU A 372 -4.01 13.26 -9.26
N PHE A 373 -4.18 13.55 -10.56
CA PHE A 373 -4.65 12.54 -11.49
C PHE A 373 -3.36 11.88 -12.03
N TYR A 374 -3.37 10.56 -12.23
CA TYR A 374 -2.14 9.87 -12.65
C TYR A 374 -2.49 8.60 -13.41
N GLY A 375 -1.51 8.07 -14.14
CA GLY A 375 -1.64 6.80 -14.81
C GLY A 375 -1.65 6.93 -16.33
N GLY A 376 -2.16 5.91 -16.97
CA GLY A 376 -2.23 5.87 -18.42
C GLY A 376 -2.39 4.48 -18.99
N PRO A 377 -2.61 4.45 -20.31
CA PRO A 377 -2.80 3.18 -21.00
C PRO A 377 -1.52 2.44 -21.36
N GLY A 378 -0.37 3.03 -21.10
CA GLY A 378 0.89 2.48 -21.57
C GLY A 378 1.14 2.85 -23.03
N CYS A 379 2.24 2.35 -23.60
CA CYS A 379 2.58 2.62 -24.99
C CYS A 379 2.51 1.34 -25.78
N GLN A 380 1.80 1.36 -26.92
CA GLN A 380 1.60 0.20 -27.78
C GLN A 380 2.94 -0.35 -28.25
N ALA A 381 3.13 -1.68 -28.19
CA ALA A 381 4.37 -2.33 -28.61
C ALA A 381 4.65 -2.08 -30.08
N ILE A 382 5.93 -1.81 -30.43
CA ILE A 382 6.30 -1.53 -31.81
C ILE A 382 6.65 -2.81 -32.57
C1 NAG B . 13.08 20.46 9.75
C2 NAG B . 13.66 21.74 10.32
C3 NAG B . 12.63 22.87 10.30
C4 NAG B . 12.03 23.01 8.90
C5 NAG B . 11.44 21.68 8.48
C6 NAG B . 10.82 21.71 7.09
C7 NAG B . 15.40 21.70 12.07
C8 NAG B . 15.67 21.58 13.53
N2 NAG B . 14.13 21.52 11.68
O3 NAG B . 13.26 24.10 10.66
O4 NAG B . 10.98 23.98 8.92
O5 NAG B . 12.48 20.69 8.47
O6 NAG B . 11.76 21.93 6.06
O7 NAG B . 16.28 21.99 11.26
C1 FUC B . 11.38 22.95 5.16
C2 FUC B . 12.52 23.13 4.16
C3 FUC B . 12.65 21.87 3.32
C4 FUC B . 11.34 21.55 2.61
C5 FUC B . 10.20 21.47 3.62
C6 FUC B . 8.84 21.36 2.99
O2 FUC B . 13.73 23.42 4.85
O3 FUC B . 13.67 22.03 2.36
O4 FUC B . 11.08 22.53 1.59
O5 FUC B . 10.17 22.65 4.46
C1 NAG C . -5.21 13.33 7.78
C2 NAG C . -6.40 12.47 8.23
C3 NAG C . -6.85 12.89 9.63
C4 NAG C . -5.67 12.96 10.60
C5 NAG C . -4.54 13.81 9.99
C6 NAG C . -3.32 13.89 10.86
C7 NAG C . -7.79 11.69 6.34
C8 NAG C . -8.95 12.02 5.44
N2 NAG C . -7.51 12.59 7.29
O3 NAG C . -7.81 11.95 10.12
O4 NAG C . -6.10 13.62 11.78
O5 NAG C . -4.15 13.26 8.73
O6 NAG C . -2.86 12.60 11.22
O7 NAG C . -7.14 10.65 6.20
C1 NAG C . -5.97 12.94 13.00
C2 NAG C . -6.28 13.93 14.12
C3 NAG C . -6.05 13.21 15.44
C4 NAG C . -6.93 11.95 15.53
C5 NAG C . -6.75 11.08 14.28
C6 NAG C . -7.76 9.95 14.20
C7 NAG C . -5.87 16.25 13.44
C8 NAG C . -4.87 17.37 13.36
N2 NAG C . -5.46 15.12 14.03
O3 NAG C . -6.38 14.10 16.50
O4 NAG C . -6.56 11.18 16.66
O5 NAG C . -6.91 11.88 13.10
O6 NAG C . -7.63 9.23 12.97
O7 NAG C . -7.00 16.37 12.96
C1 GOL D . 19.80 -10.06 -0.85
O1 GOL D . 21.07 -9.80 -1.47
C2 GOL D . 19.96 -10.91 0.39
O2 GOL D . 20.96 -10.34 1.23
C3 GOL D . 18.65 -11.04 1.15
O3 GOL D . 17.62 -11.54 0.31
C1 GOL E . 0.52 -17.57 5.29
O1 GOL E . -0.84 -17.18 5.15
C2 GOL E . 1.36 -16.44 5.84
O2 GOL E . 1.26 -15.29 4.98
C3 GOL E . 0.91 -16.06 7.23
O3 GOL E . 1.68 -14.97 7.72
C1 GOL F . -13.49 -0.72 -1.18
O1 GOL F . -13.87 -2.07 -1.41
C2 GOL F . -14.72 0.13 -1.00
O2 GOL F . -15.48 -0.38 0.11
C3 GOL F . -14.37 1.58 -0.75
O3 GOL F . -15.55 2.33 -0.55
C1 GOL G . -15.02 -6.01 -3.82
O1 GOL G . -15.33 -6.82 -4.95
C2 GOL G . -15.39 -6.70 -2.55
O2 GOL G . -14.54 -7.83 -2.34
C3 GOL G . -15.30 -5.76 -1.37
O3 GOL G . -16.31 -4.77 -1.44
C1 GOL H . -13.44 11.04 3.35
O1 GOL H . -12.97 9.70 3.31
C2 GOL H . -12.27 11.98 3.48
O2 GOL H . -11.31 11.68 2.46
C3 GOL H . -12.70 13.43 3.33
O3 GOL H . -11.57 14.27 3.22
C ACT I . -13.19 17.09 -1.81
O ACT I . -13.43 18.31 -1.96
OXT ACT I . -12.67 16.35 -2.68
CH3 ACT I . -13.57 16.43 -0.47
C ACT J . -6.52 23.42 -4.84
O ACT J . -7.59 23.12 -5.43
OXT ACT J . -5.48 23.79 -5.43
CH3 ACT J . -6.52 23.37 -3.30
C ACT K . 12.88 6.08 -11.78
O ACT K . 11.74 6.51 -11.47
OXT ACT K . 13.24 4.88 -11.69
CH3 ACT K . 13.89 7.11 -12.32
C ACT L . -14.88 12.90 -3.71
O ACT L . -14.26 13.33 -4.72
OXT ACT L . -15.27 11.71 -3.56
CH3 ACT L . -15.19 13.89 -2.57
C ACT M . -3.39 -21.39 19.90
O ACT M . -3.19 -20.21 20.29
OXT ACT M . -4.28 -22.18 20.33
CH3 ACT M . -2.44 -21.94 18.80
C ACT N . 5.92 -3.92 19.98
O ACT N . 4.83 -3.32 20.05
OXT ACT N . 7.06 -3.39 20.09
CH3 ACT N . 5.86 -5.43 19.75
C ACT O . 0.87 12.53 -22.96
O ACT O . 0.49 12.73 -21.78
OXT ACT O . 2.04 12.65 -23.39
CH3 ACT O . -0.20 12.11 -23.96
C ACT P . -14.19 -4.97 -13.66
O ACT P . -14.43 -3.78 -13.28
OXT ACT P . -14.69 -6.04 -13.19
CH3 ACT P . -13.17 -5.16 -14.81
C1 IPA Q . 15.32 14.97 12.74
C2 IPA Q . 14.49 14.11 13.63
C3 IPA Q . 15.05 14.05 15.01
O2 IPA Q . 14.43 12.78 13.09
#